data_5NU1
#
_entry.id   5NU1
#
_cell.length_a   48.389
_cell.length_b   68.802
_cell.length_c   82.866
_cell.angle_alpha   90.000
_cell.angle_beta   102.920
_cell.angle_gamma   90.000
#
_symmetry.space_group_name_H-M   'P 1 21 1'
#
loop_
_entity.id
_entity.type
_entity.pdbx_description
1 polymer 'Nuclear receptor ROR-gamma'
2 polymer 'Nuclear receptor-interacting protein 1'
3 non-polymer ~{N}-[4-(3-chlorophenyl)-5-(2-chlorophenyl)carbonyl-1,3-thiazol-2-yl]-2-(4-ethylsulfonylphenyl)ethanamide
4 water water
#
loop_
_entity_poly.entity_id
_entity_poly.type
_entity_poly.pdbx_seq_one_letter_code
_entity_poly.pdbx_strand_id
1 'polypeptide(L)'
;GPYASLTEIEHLVQSVCKSYRETCQLRLEDLLRQRSNIFSREEVTGYQRKSMWEMWERCAHHLTEAIQYVVEFAKRLSGF
MELCQNDQIVLLKAGAMEVVLVRMCRAYNADNRTVFFEGKYGGMELFRALGCSELISSIFDFSHSLSALHFSEDEIALYT
ALVLINAHRPGLQEKRKVEQLQYNLELAFHHHLSKTHRQSILAKLPPKGKLRSLCSQHVERLQIFQHLHPIVVQAAFPPL
YKELFSTETESPVGLSK
;
A,B
2 'polypeptide(L)' NSHQKVTLLQLLLGHKNEEN P,Q
#
# COMPACT_ATOMS: atom_id res chain seq x y z
N TYR A 3 45.14 -11.87 -12.60
CA TYR A 3 45.52 -11.55 -11.19
C TYR A 3 45.72 -10.05 -11.02
N ALA A 4 44.63 -9.31 -10.95
CA ALA A 4 44.71 -7.85 -10.87
C ALA A 4 45.46 -7.37 -9.62
N SER A 5 46.42 -6.47 -9.84
CA SER A 5 47.19 -5.85 -8.76
C SER A 5 46.33 -4.85 -7.99
N LEU A 6 46.82 -4.40 -6.85
CA LEU A 6 46.14 -3.39 -6.05
C LEU A 6 45.91 -2.09 -6.83
N THR A 7 46.92 -1.69 -7.61
CA THR A 7 46.82 -0.53 -8.49
C THR A 7 45.68 -0.68 -9.50
N GLU A 8 45.64 -1.83 -10.17
CA GLU A 8 44.59 -2.13 -11.13
C GLU A 8 43.21 -2.15 -10.48
N ILE A 9 43.13 -2.69 -9.27
CA ILE A 9 41.88 -2.71 -8.50
C ILE A 9 41.41 -1.29 -8.18
N GLU A 10 42.32 -0.45 -7.71
CA GLU A 10 42.02 0.95 -7.42
C GLU A 10 41.56 1.69 -8.69
N HIS A 11 42.18 1.37 -9.81
CA HIS A 11 41.80 1.93 -11.11
C HIS A 11 40.42 1.46 -11.57
N LEU A 12 40.08 0.21 -11.24
CA LEU A 12 38.74 -0.32 -11.51
C LEU A 12 37.66 0.41 -10.69
N VAL A 13 37.98 0.71 -9.44
CA VAL A 13 37.08 1.48 -8.56
C VAL A 13 36.71 2.82 -9.21
N GLN A 14 37.73 3.54 -9.67
CA GLN A 14 37.54 4.85 -10.28
C GLN A 14 36.80 4.77 -11.61
N SER A 15 37.12 3.74 -12.39
CA SER A 15 36.50 3.50 -13.71
C SER A 15 35.00 3.20 -13.60
N VAL A 16 34.64 2.37 -12.64
CA VAL A 16 33.24 2.01 -12.38
C VAL A 16 32.45 3.21 -11.89
N CYS A 17 33.00 3.93 -10.93
CA CYS A 17 32.36 5.14 -10.37
C CYS A 17 32.14 6.22 -11.41
N LYS A 18 33.07 6.33 -12.36
CA LYS A 18 32.98 7.31 -13.43
C LYS A 18 31.93 6.91 -14.47
N SER A 19 31.92 5.62 -14.82
CA SER A 19 30.90 5.04 -15.71
C SER A 19 29.50 5.29 -15.17
N TYR A 20 29.35 5.14 -13.86
CA TYR A 20 28.07 5.33 -13.22
C TYR A 20 27.68 6.81 -13.24
N ARG A 21 28.62 7.66 -12.82
CA ARG A 21 28.41 9.10 -12.78
C ARG A 21 27.91 9.66 -14.11
N GLU A 22 28.42 9.10 -15.21
CA GLU A 22 28.08 9.56 -16.56
C GLU A 22 26.73 9.06 -17.08
N THR A 23 26.13 8.12 -16.37
CA THR A 23 24.92 7.44 -16.84
C THR A 23 23.86 7.32 -15.74
N CYS A 24 23.99 8.14 -14.70
CA CYS A 24 23.13 8.01 -13.52
C CYS A 24 21.72 8.59 -13.71
N GLN A 25 21.41 9.02 -14.94
CA GLN A 25 20.10 9.55 -15.34
C GLN A 25 19.74 10.90 -14.70
N LEU A 26 19.42 10.89 -13.40
CA LEU A 26 19.18 12.12 -12.66
C LEU A 26 20.26 12.33 -11.62
N ARG A 27 20.73 13.58 -11.50
CA ARG A 27 21.68 13.95 -10.46
C ARG A 27 21.03 13.84 -9.10
N LEU A 28 21.78 13.31 -8.13
CA LEU A 28 21.26 13.14 -6.76
C LEU A 28 20.84 14.47 -6.14
N GLU A 29 21.63 15.51 -6.41
CA GLU A 29 21.33 16.87 -5.94
C GLU A 29 19.92 17.31 -6.34
N ASP A 30 19.55 17.07 -7.60
CA ASP A 30 18.24 17.43 -8.13
C ASP A 30 17.12 16.66 -7.46
N LEU A 31 17.30 15.34 -7.34
CA LEU A 31 16.34 14.47 -6.65
C LEU A 31 16.10 14.91 -5.20
N LEU A 32 17.16 15.36 -4.54
CA LEU A 32 17.06 15.85 -3.17
C LEU A 32 16.34 17.20 -3.09
N ARG A 33 16.67 18.11 -4.01
CA ARG A 33 16.05 19.43 -4.05
C ARG A 33 14.58 19.39 -4.44
N GLN A 34 14.20 18.36 -5.18
CA GLN A 34 12.81 18.14 -5.61
C GLN A 34 11.92 17.54 -4.52
N ARG A 35 12.52 17.11 -3.41
CA ARG A 35 11.78 16.40 -2.34
C ARG A 35 10.66 17.20 -1.66
N SER A 36 10.77 18.52 -1.66
CA SER A 36 9.71 19.40 -1.13
C SER A 36 8.57 19.57 -2.14
N ASN A 37 8.84 19.23 -3.39
CA ASN A 37 7.85 19.26 -4.46
C ASN A 37 7.04 17.96 -4.48
N ILE A 38 5.90 17.98 -3.80
CA ILE A 38 5.06 16.79 -3.59
C ILE A 38 3.70 16.93 -4.30
N PHE A 39 3.13 15.81 -4.75
CA PHE A 39 1.82 15.82 -5.41
C PHE A 39 0.71 16.27 -4.46
N SER A 40 -0.09 17.23 -4.91
CA SER A 40 -1.26 17.71 -4.16
C SER A 40 -2.36 16.64 -4.13
N ARG A 41 -3.33 16.78 -3.22
CA ARG A 41 -4.41 15.78 -3.10
C ARG A 41 -5.23 15.66 -4.39
N GLU A 42 -5.40 16.77 -5.09
CA GLU A 42 -6.10 16.81 -6.37
C GLU A 42 -5.37 15.95 -7.40
N GLU A 43 -4.05 16.13 -7.47
CA GLU A 43 -3.20 15.37 -8.38
C GLU A 43 -3.21 13.88 -8.07
N VAL A 44 -3.11 13.54 -6.78
CA VAL A 44 -3.16 12.15 -6.32
C VAL A 44 -4.48 11.48 -6.71
N THR A 45 -5.59 12.21 -6.50
CA THR A 45 -6.92 11.72 -6.88
C THR A 45 -6.98 11.46 -8.39
N GLY A 46 -6.49 12.41 -9.16
CA GLY A 46 -6.40 12.29 -10.62
C GLY A 46 -5.70 11.02 -11.08
N TYR A 47 -4.59 10.67 -10.43
CA TYR A 47 -3.83 9.45 -10.75
C TYR A 47 -4.61 8.18 -10.44
N GLN A 48 -5.30 8.18 -9.31
CA GLN A 48 -6.11 7.05 -8.88
C GLN A 48 -7.33 6.86 -9.77
N ARG A 49 -7.80 7.94 -10.39
CA ARG A 49 -8.94 7.89 -11.31
C ARG A 49 -8.54 7.58 -12.75
N LYS A 50 -7.23 7.55 -13.02
CA LYS A 50 -6.71 7.16 -14.34
C LYS A 50 -7.06 5.72 -14.71
N SER A 51 -7.28 5.49 -15.99
CA SER A 51 -7.50 4.14 -16.50
C SER A 51 -6.25 3.28 -16.28
N MET A 52 -6.45 1.97 -16.20
CA MET A 52 -5.37 1.03 -16.02
C MET A 52 -4.37 1.10 -17.18
N TRP A 53 -4.88 1.21 -18.41
CA TRP A 53 -4.02 1.24 -19.58
C TRP A 53 -3.09 2.45 -19.59
N GLU A 54 -3.62 3.59 -19.17
CA GLU A 54 -2.84 4.84 -19.22
C GLU A 54 -1.73 4.83 -18.18
N MET A 55 -2.04 4.27 -17.01
CA MET A 55 -1.07 4.17 -15.93
C MET A 55 0.06 3.21 -16.26
N TRP A 56 -0.27 2.04 -16.81
CA TRP A 56 0.73 1.07 -17.25
C TRP A 56 1.62 1.62 -18.36
N GLU A 57 1.01 2.34 -19.30
CA GLU A 57 1.72 2.92 -20.44
C GLU A 57 2.73 3.97 -19.99
N ARG A 58 2.32 4.80 -19.04
CA ARG A 58 3.23 5.78 -18.44
C ARG A 58 4.39 5.07 -17.75
N CYS A 59 4.09 4.05 -16.95
CA CYS A 59 5.13 3.34 -16.23
C CYS A 59 6.10 2.64 -17.17
N ALA A 60 5.57 2.02 -18.23
CA ALA A 60 6.42 1.33 -19.19
C ALA A 60 7.40 2.31 -19.83
N HIS A 61 6.93 3.52 -20.14
CA HIS A 61 7.79 4.57 -20.70
CA HIS A 61 7.80 4.54 -20.71
C HIS A 61 8.90 4.98 -19.74
N HIS A 62 8.55 5.26 -18.49
CA HIS A 62 9.56 5.68 -17.50
C HIS A 62 10.58 4.59 -17.21
N LEU A 63 10.10 3.35 -17.13
CA LEU A 63 10.97 2.20 -16.88
CA LEU A 63 10.96 2.18 -16.89
C LEU A 63 11.93 2.00 -18.05
N THR A 64 11.41 2.14 -19.28
CA THR A 64 12.23 2.04 -20.48
C THR A 64 13.32 3.11 -20.49
N GLU A 65 12.96 4.34 -20.12
CA GLU A 65 13.93 5.44 -20.02
C GLU A 65 15.05 5.08 -19.05
N ALA A 66 14.69 4.62 -17.85
CA ALA A 66 15.66 4.19 -16.85
C ALA A 66 16.55 3.04 -17.34
N ILE A 67 15.94 2.08 -18.04
CA ILE A 67 16.69 0.96 -18.61
C ILE A 67 17.72 1.43 -19.66
N GLN A 68 17.35 2.44 -20.45
CA GLN A 68 18.29 3.01 -21.44
C GLN A 68 19.57 3.58 -20.82
N TYR A 69 19.44 4.19 -19.64
CA TYR A 69 20.62 4.65 -18.92
C TYR A 69 21.47 3.50 -18.35
N VAL A 70 20.81 2.39 -18.03
CA VAL A 70 21.51 1.19 -17.55
C VAL A 70 22.30 0.53 -18.69
N VAL A 71 21.68 0.45 -19.86
CA VAL A 71 22.35 -0.05 -21.07
C VAL A 71 23.61 0.78 -21.36
N GLU A 72 23.48 2.10 -21.25
CA GLU A 72 24.60 3.01 -21.44
C GLU A 72 25.69 2.80 -20.38
N PHE A 73 25.26 2.59 -19.14
CA PHE A 73 26.17 2.24 -18.04
C PHE A 73 26.97 1.00 -18.39
N ALA A 74 26.28 -0.02 -18.90
CA ALA A 74 26.91 -1.29 -19.30
C ALA A 74 27.94 -1.08 -20.40
N LYS A 75 27.56 -0.31 -21.42
CA LYS A 75 28.46 0.04 -22.54
C LYS A 75 29.75 0.74 -22.11
N ARG A 76 29.69 1.49 -21.02
CA ARG A 76 30.86 2.20 -20.51
C ARG A 76 31.59 1.45 -19.39
N LEU A 77 31.05 0.29 -18.99
CA LEU A 77 31.58 -0.46 -17.86
C LEU A 77 32.76 -1.32 -18.29
N SER A 78 33.89 -1.14 -17.60
CA SER A 78 35.12 -1.87 -17.93
C SER A 78 34.88 -3.36 -18.06
N GLY A 79 35.25 -3.90 -19.22
CA GLY A 79 35.16 -5.35 -19.47
C GLY A 79 33.88 -5.84 -20.13
N PHE A 80 32.79 -5.08 -19.97
CA PHE A 80 31.50 -5.48 -20.52
C PHE A 80 31.49 -5.56 -22.04
N MET A 81 32.01 -4.54 -22.71
CA MET A 81 32.06 -4.49 -24.17
C MET A 81 33.07 -5.48 -24.75
N GLU A 82 33.98 -5.96 -23.89
CA GLU A 82 34.95 -6.98 -24.26
C GLU A 82 34.33 -8.38 -24.23
N LEU A 83 33.17 -8.51 -23.59
CA LEU A 83 32.41 -9.76 -23.59
C LEU A 83 31.75 -9.97 -24.94
N CYS A 84 31.36 -11.21 -25.24
CA CYS A 84 30.73 -11.53 -26.52
C CYS A 84 29.28 -11.04 -26.55
N GLN A 85 28.81 -10.67 -27.74
CA GLN A 85 27.48 -10.08 -27.91
C GLN A 85 26.35 -10.85 -27.24
N ASN A 86 26.46 -12.17 -27.22
CA ASN A 86 25.46 -13.02 -26.56
C ASN A 86 25.44 -12.86 -25.03
N ASP A 87 26.63 -12.75 -24.43
CA ASP A 87 26.75 -12.58 -22.99
C ASP A 87 26.23 -11.22 -22.56
N GLN A 88 26.54 -10.19 -23.34
CA GLN A 88 26.05 -8.83 -23.11
C GLN A 88 24.52 -8.83 -22.99
N ILE A 89 23.86 -9.54 -23.89
CA ILE A 89 22.40 -9.63 -23.95
C ILE A 89 21.83 -10.35 -22.75
N VAL A 90 22.38 -11.52 -22.45
CA VAL A 90 21.94 -12.33 -21.31
C VAL A 90 22.03 -11.50 -20.02
N LEU A 91 23.17 -10.86 -19.82
CA LEU A 91 23.40 -10.05 -18.62
C LEU A 91 22.41 -8.89 -18.51
N LEU A 92 22.22 -8.16 -19.61
CA LEU A 92 21.31 -7.01 -19.62
C LEU A 92 19.84 -7.40 -19.53
N LYS A 93 19.46 -8.49 -20.21
CA LYS A 93 18.08 -8.96 -20.17
C LYS A 93 17.66 -9.35 -18.75
N ALA A 94 18.57 -10.01 -18.04
CA ALA A 94 18.31 -10.45 -16.68
C ALA A 94 18.54 -9.33 -15.65
N GLY A 95 19.47 -8.43 -15.95
CA GLY A 95 19.96 -7.49 -14.93
C GLY A 95 19.49 -6.04 -15.00
N ALA A 96 19.06 -5.59 -16.18
CA ALA A 96 18.73 -4.17 -16.38
C ALA A 96 17.69 -3.68 -15.38
N MET A 97 16.57 -4.41 -15.28
CA MET A 97 15.52 -4.09 -14.32
C MET A 97 16.00 -4.13 -12.87
N GLU A 98 16.86 -5.10 -12.54
CA GLU A 98 17.42 -5.22 -11.20
C GLU A 98 18.24 -3.99 -10.84
N VAL A 99 19.05 -3.53 -11.79
CA VAL A 99 19.83 -2.30 -11.60
C VAL A 99 18.92 -1.07 -11.39
N VAL A 100 17.89 -0.94 -12.22
CA VAL A 100 16.93 0.15 -12.09
C VAL A 100 16.31 0.15 -10.69
N LEU A 101 15.92 -1.02 -10.20
CA LEU A 101 15.30 -1.14 -8.87
C LEU A 101 16.26 -0.71 -7.76
N VAL A 102 17.55 -1.02 -7.92
CA VAL A 102 18.55 -0.57 -6.96
C VAL A 102 18.74 0.95 -7.07
N ARG A 103 18.94 1.44 -8.30
CA ARG A 103 19.08 2.88 -8.56
C ARG A 103 17.91 3.69 -8.00
N MET A 104 16.70 3.13 -8.08
CA MET A 104 15.48 3.81 -7.69
C MET A 104 15.48 4.30 -6.24
N CYS A 105 16.25 3.64 -5.38
CA CYS A 105 16.31 4.04 -3.97
C CYS A 105 16.82 5.47 -3.79
N ARG A 106 17.54 5.98 -4.78
CA ARG A 106 18.01 7.38 -4.80
C ARG A 106 16.85 8.37 -4.89
N ALA A 107 15.76 7.94 -5.53
CA ALA A 107 14.59 8.78 -5.77
C ALA A 107 13.53 8.55 -4.71
N TYR A 108 13.87 7.74 -3.72
CA TYR A 108 12.97 7.43 -2.62
C TYR A 108 13.30 8.29 -1.40
N ASN A 109 12.30 9.03 -0.93
CA ASN A 109 12.43 9.81 0.30
C ASN A 109 11.85 9.04 1.48
N ALA A 110 12.72 8.50 2.33
CA ALA A 110 12.31 7.65 3.47
C ALA A 110 11.53 8.40 4.55
N ASP A 111 11.70 9.72 4.62
CA ASP A 111 11.07 10.54 5.66
C ASP A 111 9.55 10.58 5.54
N ASN A 112 9.06 10.72 4.30
CA ASN A 112 7.61 10.73 4.03
C ASN A 112 7.13 9.58 3.16
N ARG A 113 8.02 8.61 2.92
CA ARG A 113 7.72 7.40 2.13
C ARG A 113 7.23 7.72 0.70
N THR A 114 7.91 8.64 0.04
CA THR A 114 7.54 9.03 -1.31
C THR A 114 8.63 8.68 -2.31
N VAL A 115 8.24 8.56 -3.58
CA VAL A 115 9.18 8.32 -4.67
C VAL A 115 8.97 9.35 -5.77
N PHE A 116 10.06 9.78 -6.38
CA PHE A 116 9.99 10.75 -7.47
C PHE A 116 9.41 10.07 -8.70
N PHE A 117 8.27 10.59 -9.15
CA PHE A 117 7.52 10.04 -10.28
C PHE A 117 6.83 11.17 -11.02
N GLU A 118 7.10 11.28 -12.32
CA GLU A 118 6.50 12.30 -13.18
C GLU A 118 6.56 13.73 -12.63
N GLY A 119 7.75 14.10 -12.14
CA GLY A 119 8.06 15.49 -11.82
C GLY A 119 7.83 15.90 -10.38
N LYS A 120 7.16 15.04 -9.62
CA LYS A 120 6.94 15.28 -8.19
C LYS A 120 7.15 14.01 -7.36
N TYR A 121 7.14 14.19 -6.05
CA TYR A 121 7.20 13.07 -5.12
C TYR A 121 5.80 12.62 -4.73
N GLY A 122 5.61 11.31 -4.68
CA GLY A 122 4.31 10.73 -4.32
C GLY A 122 4.43 9.41 -3.61
N GLY A 123 3.49 9.16 -2.70
CA GLY A 123 3.42 7.90 -1.96
C GLY A 123 2.85 6.77 -2.80
N MET A 124 2.78 5.58 -2.23
CA MET A 124 2.36 4.39 -2.99
C MET A 124 0.89 4.37 -3.39
N GLU A 125 0.08 5.21 -2.74
CA GLU A 125 -1.34 5.36 -3.09
C GLU A 125 -1.51 5.96 -4.49
N LEU A 126 -0.43 6.51 -5.04
CA LEU A 126 -0.45 7.12 -6.37
C LEU A 126 -0.65 6.08 -7.47
N PHE A 127 -0.32 4.83 -7.16
CA PHE A 127 -0.21 3.77 -8.15
C PHE A 127 -1.39 2.82 -8.18
N ARG A 128 -2.44 3.15 -7.42
CA ARG A 128 -3.62 2.29 -7.27
C ARG A 128 -4.18 1.76 -8.60
N ALA A 129 -4.26 2.63 -9.61
CA ALA A 129 -4.90 2.30 -10.89
C ALA A 129 -4.19 1.21 -11.69
N LEU A 130 -2.95 0.91 -11.34
CA LEU A 130 -2.22 -0.19 -11.98
C LEU A 130 -2.85 -1.56 -11.67
N GLY A 131 -3.52 -1.65 -10.52
CA GLY A 131 -4.11 -2.91 -10.05
C GLY A 131 -3.08 -3.99 -9.74
N CYS A 132 -1.99 -3.60 -9.10
CA CYS A 132 -0.97 -4.51 -8.59
C CYS A 132 -0.41 -3.99 -7.27
N SER A 133 -1.30 -3.76 -6.31
CA SER A 133 -0.96 -3.13 -5.03
C SER A 133 0.15 -3.85 -4.27
N GLU A 134 0.21 -5.17 -4.42
CA GLU A 134 1.23 -5.99 -3.77
C GLU A 134 2.62 -5.72 -4.34
N LEU A 135 2.75 -5.79 -5.66
CA LEU A 135 4.00 -5.45 -6.35
C LEU A 135 4.49 -4.07 -5.96
N ILE A 136 3.57 -3.09 -5.97
CA ILE A 136 3.88 -1.71 -5.61
C ILE A 136 4.39 -1.61 -4.18
N SER A 137 3.68 -2.22 -3.24
CA SER A 137 4.08 -2.22 -1.83
C SER A 137 5.44 -2.91 -1.63
N SER A 138 5.65 -4.01 -2.36
CA SER A 138 6.91 -4.76 -2.33
C SER A 138 8.10 -3.93 -2.80
N ILE A 139 7.89 -3.15 -3.86
CA ILE A 139 8.94 -2.27 -4.38
C ILE A 139 9.20 -1.12 -3.42
N PHE A 140 8.13 -0.58 -2.83
CA PHE A 140 8.26 0.50 -1.86
C PHE A 140 9.01 0.03 -0.61
N ASP A 141 8.75 -1.21 -0.19
CA ASP A 141 9.41 -1.81 0.96
C ASP A 141 10.88 -2.04 0.67
N PHE A 142 11.16 -2.57 -0.52
CA PHE A 142 12.53 -2.81 -0.98
C PHE A 142 13.34 -1.52 -1.02
N SER A 143 12.73 -0.45 -1.54
CA SER A 143 13.38 0.87 -1.60
C SER A 143 13.63 1.42 -0.20
N HIS A 144 12.71 1.12 0.72
CA HIS A 144 12.86 1.50 2.12
C HIS A 144 14.03 0.77 2.76
N SER A 145 14.09 -0.55 2.58
CA SER A 145 15.22 -1.38 3.03
C SER A 145 16.56 -0.79 2.59
N LEU A 146 16.65 -0.46 1.31
CA LEU A 146 17.89 0.05 0.70
C LEU A 146 18.29 1.45 1.15
N SER A 147 17.31 2.34 1.34
CA SER A 147 17.61 3.71 1.78
C SER A 147 18.23 3.73 3.17
N ALA A 148 17.89 2.73 3.98
CA ALA A 148 18.43 2.59 5.34
C ALA A 148 19.94 2.36 5.34
N LEU A 149 20.48 1.87 4.22
CA LEU A 149 21.90 1.62 4.09
C LEU A 149 22.71 2.88 3.80
N HIS A 150 22.00 3.97 3.45
CA HIS A 150 22.61 5.25 3.13
C HIS A 150 23.76 5.14 2.12
N PHE A 151 23.48 4.48 1.00
CA PHE A 151 24.43 4.33 -0.09
C PHE A 151 24.96 5.68 -0.55
N SER A 152 26.28 5.75 -0.74
CA SER A 152 26.88 6.85 -1.49
C SER A 152 26.72 6.55 -2.98
N GLU A 153 26.92 7.56 -3.81
CA GLU A 153 26.87 7.39 -5.26
C GLU A 153 27.92 6.39 -5.75
N ASP A 154 29.08 6.39 -5.10
CA ASP A 154 30.16 5.43 -5.41
C ASP A 154 29.76 3.99 -5.05
N GLU A 155 29.12 3.82 -3.89
CA GLU A 155 28.66 2.50 -3.44
C GLU A 155 27.57 1.94 -4.37
N ILE A 156 26.74 2.82 -4.89
CA ILE A 156 25.71 2.43 -5.85
C ILE A 156 26.37 1.99 -7.15
N ALA A 157 27.34 2.77 -7.61
CA ALA A 157 28.13 2.43 -8.78
C ALA A 157 28.67 1.00 -8.69
N LEU A 158 29.34 0.69 -7.59
CA LEU A 158 30.06 -0.59 -7.47
C LEU A 158 29.09 -1.75 -7.29
N TYR A 159 28.07 -1.54 -6.48
CA TYR A 159 27.06 -2.55 -6.25
C TYR A 159 26.26 -2.87 -7.52
N THR A 160 25.79 -1.84 -8.23
CA THR A 160 25.00 -2.06 -9.45
C THR A 160 25.83 -2.73 -10.55
N ALA A 161 27.13 -2.46 -10.56
CA ALA A 161 28.06 -3.13 -11.48
C ALA A 161 28.02 -4.64 -11.20
N LEU A 162 28.02 -5.00 -9.93
CA LEU A 162 27.95 -6.41 -9.53
C LEU A 162 26.58 -7.04 -9.79
N VAL A 163 25.52 -6.25 -9.63
CA VAL A 163 24.17 -6.72 -9.96
C VAL A 163 24.12 -7.12 -11.45
N LEU A 164 24.74 -6.29 -12.28
CA LEU A 164 24.80 -6.56 -13.71
C LEU A 164 25.72 -7.74 -14.07
N ILE A 165 26.95 -7.70 -13.58
CA ILE A 165 27.95 -8.72 -13.94
C ILE A 165 27.84 -9.94 -13.03
N ASN A 166 26.93 -10.82 -13.41
CA ASN A 166 26.57 -12.00 -12.65
C ASN A 166 26.89 -13.24 -13.49
N ALA A 167 27.96 -13.94 -13.11
CA ALA A 167 28.36 -15.16 -13.82
C ALA A 167 27.37 -16.31 -13.68
N HIS A 168 26.39 -16.17 -12.78
CA HIS A 168 25.40 -17.21 -12.54
C HIS A 168 24.12 -17.07 -13.37
N ARG A 169 24.11 -16.15 -14.33
CA ARG A 169 22.98 -16.01 -15.25
C ARG A 169 22.99 -17.16 -16.26
N PRO A 170 21.82 -17.82 -16.44
CA PRO A 170 21.67 -18.88 -17.43
C PRO A 170 21.87 -18.40 -18.88
N GLY A 171 22.57 -19.18 -19.68
CA GLY A 171 22.74 -18.88 -21.10
C GLY A 171 24.04 -18.20 -21.49
N LEU A 172 24.98 -18.12 -20.55
CA LEU A 172 26.27 -17.48 -20.81
C LEU A 172 27.21 -18.39 -21.60
N GLN A 173 27.78 -17.84 -22.67
CA GLN A 173 28.77 -18.55 -23.47
C GLN A 173 30.11 -18.55 -22.75
N GLU A 174 30.72 -17.36 -22.64
CA GLU A 174 32.02 -17.19 -21.99
C GLU A 174 31.88 -17.05 -20.47
N LYS A 175 31.37 -18.11 -19.84
CA LYS A 175 31.08 -18.15 -18.41
C LYS A 175 32.29 -17.78 -17.54
N ARG A 176 33.49 -18.19 -17.97
CA ARG A 176 34.72 -17.92 -17.22
C ARG A 176 35.21 -16.49 -17.37
N LYS A 177 34.99 -15.89 -18.53
CA LYS A 177 35.35 -14.49 -18.75
C LYS A 177 34.48 -13.56 -17.89
N VAL A 178 33.22 -13.96 -17.68
CA VAL A 178 32.27 -13.23 -16.84
C VAL A 178 32.62 -13.42 -15.37
N GLU A 179 33.04 -14.63 -15.01
CA GLU A 179 33.53 -14.94 -13.67
C GLU A 179 34.69 -14.04 -13.27
N GLN A 180 35.64 -13.85 -14.19
CA GLN A 180 36.83 -13.05 -13.95
C GLN A 180 36.49 -11.57 -13.77
N LEU A 181 35.54 -11.08 -14.56
CA LEU A 181 35.11 -9.70 -14.45
C LEU A 181 34.34 -9.49 -13.14
N GLN A 182 33.48 -10.46 -12.81
CA GLN A 182 32.69 -10.41 -11.57
C GLN A 182 33.59 -10.36 -10.34
N TYR A 183 34.62 -11.22 -10.36
CA TYR A 183 35.56 -11.31 -9.25
C TYR A 183 36.37 -10.02 -9.07
N ASN A 184 36.84 -9.44 -10.17
CA ASN A 184 37.57 -8.16 -10.10
C ASN A 184 36.69 -7.02 -9.59
N LEU A 185 35.43 -6.99 -10.02
CA LEU A 185 34.48 -5.99 -9.51
C LEU A 185 34.17 -6.19 -8.03
N GLU A 186 34.16 -7.44 -7.58
CA GLU A 186 34.00 -7.74 -6.16
C GLU A 186 35.20 -7.22 -5.35
N LEU A 187 36.40 -7.44 -5.86
CA LEU A 187 37.61 -6.91 -5.24
C LEU A 187 37.57 -5.38 -5.21
N ALA A 188 37.09 -4.77 -6.29
CA ALA A 188 36.95 -3.31 -6.35
C ALA A 188 35.99 -2.83 -5.27
N PHE A 189 34.84 -3.51 -5.16
CA PHE A 189 33.78 -3.17 -4.19
C PHE A 189 34.29 -3.32 -2.75
N HIS A 190 34.91 -4.46 -2.46
CA HIS A 190 35.36 -4.75 -1.12
C HIS A 190 36.49 -3.81 -0.70
N HIS A 191 37.41 -3.53 -1.62
CA HIS A 191 38.48 -2.55 -1.38
C HIS A 191 37.91 -1.16 -1.06
N HIS A 192 36.99 -0.69 -1.91
CA HIS A 192 36.37 0.61 -1.67
C HIS A 192 35.69 0.68 -0.30
N LEU A 193 34.99 -0.39 0.06
CA LEU A 193 34.29 -0.47 1.36
C LEU A 193 35.25 -0.49 2.55
N SER A 194 36.35 -1.22 2.43
CA SER A 194 37.34 -1.32 3.51
C SER A 194 37.99 0.03 3.81
N LYS A 195 38.33 0.79 2.77
CA LYS A 195 38.94 2.11 2.92
C LYS A 195 38.03 3.11 3.66
N THR A 196 36.75 3.08 3.31
CA THR A 196 35.75 3.98 3.91
C THR A 196 35.10 3.39 5.16
N HIS A 197 35.65 2.26 5.63
CA HIS A 197 35.14 1.52 6.78
C HIS A 197 33.63 1.25 6.68
N ARG A 198 33.25 0.57 5.60
CA ARG A 198 31.85 0.32 5.29
C ARG A 198 31.56 -1.14 4.92
N GLN A 199 32.48 -2.05 5.25
CA GLN A 199 32.28 -3.48 4.94
C GLN A 199 31.10 -4.10 5.71
N SER A 200 30.61 -3.38 6.70
CA SER A 200 29.45 -3.81 7.50
C SER A 200 28.18 -3.95 6.65
N ILE A 201 28.07 -3.16 5.57
CA ILE A 201 26.89 -3.19 4.72
C ILE A 201 26.74 -4.49 3.90
N LEU A 202 27.82 -5.25 3.79
CA LEU A 202 27.85 -6.44 2.94
C LEU A 202 26.84 -7.51 3.34
N ALA A 203 26.70 -7.73 4.64
CA ALA A 203 25.71 -8.67 5.17
C ALA A 203 24.32 -8.05 5.21
N LYS A 204 24.24 -6.75 4.94
CA LYS A 204 22.96 -6.01 4.94
C LYS A 204 22.39 -5.78 3.54
N LEU A 205 23.07 -6.31 2.52
CA LEU A 205 22.63 -6.20 1.14
C LEU A 205 21.52 -7.20 0.83
N PRO A 206 20.63 -6.88 -0.13
CA PRO A 206 19.50 -7.75 -0.46
C PRO A 206 19.88 -9.22 -0.60
N PRO A 207 19.09 -10.13 0.03
CA PRO A 207 19.30 -11.58 -0.09
C PRO A 207 19.37 -12.04 -1.55
N LYS A 208 20.07 -13.14 -1.77
CA LYS A 208 20.45 -13.60 -3.13
C LYS A 208 19.32 -13.77 -4.16
N GLY A 209 18.07 -13.81 -3.70
CA GLY A 209 16.93 -14.00 -4.60
C GLY A 209 15.85 -12.91 -4.53
N LYS A 210 16.12 -11.87 -3.76
CA LYS A 210 15.14 -10.78 -3.59
C LYS A 210 14.90 -10.01 -4.88
N LEU A 211 15.98 -9.59 -5.55
CA LEU A 211 15.88 -8.87 -6.81
C LEU A 211 15.24 -9.71 -7.92
N ARG A 212 15.59 -11.01 -7.95
CA ARG A 212 14.94 -11.96 -8.86
C ARG A 212 13.43 -11.97 -8.67
N SER A 213 13.01 -12.04 -7.41
CA SER A 213 11.61 -12.08 -7.02
C SER A 213 10.82 -10.87 -7.50
N LEU A 214 11.34 -9.66 -7.23
CA LEU A 214 10.68 -8.43 -7.65
C LEU A 214 10.48 -8.38 -9.17
N CYS A 215 11.50 -8.81 -9.91
CA CYS A 215 11.47 -8.79 -11.37
C CYS A 215 10.49 -9.81 -11.94
N SER A 216 10.40 -10.97 -11.30
CA SER A 216 9.43 -11.99 -11.66
C SER A 216 8.00 -11.51 -11.42
N GLN A 217 7.79 -10.86 -10.27
CA GLN A 217 6.50 -10.27 -9.92
C GLN A 217 6.03 -9.24 -10.96
N HIS A 218 6.98 -8.40 -11.40
CA HIS A 218 6.72 -7.36 -12.41
C HIS A 218 6.25 -8.00 -13.73
N VAL A 219 7.06 -8.92 -14.25
CA VAL A 219 6.70 -9.74 -15.42
C VAL A 219 5.31 -10.40 -15.27
N GLU A 220 5.03 -10.94 -14.08
CA GLU A 220 3.72 -11.56 -13.83
C GLU A 220 2.55 -10.57 -13.83
N ARG A 221 2.72 -9.42 -13.18
CA ARG A 221 1.65 -8.42 -13.14
C ARG A 221 1.38 -7.82 -14.52
N LEU A 222 2.42 -7.78 -15.34
CA LEU A 222 2.31 -7.35 -16.74
C LEU A 222 1.48 -8.35 -17.55
N GLN A 223 1.61 -9.62 -17.23
CA GLN A 223 0.83 -10.68 -17.87
C GLN A 223 -0.66 -10.52 -17.57
N ILE A 224 -0.98 -10.24 -16.31
CA ILE A 224 -2.35 -9.94 -15.89
C ILE A 224 -2.89 -8.71 -16.63
N PHE A 225 -2.07 -7.66 -16.72
CA PHE A 225 -2.46 -6.47 -17.48
C PHE A 225 -2.63 -6.76 -18.97
N GLN A 226 -1.56 -7.27 -19.58
CA GLN A 226 -1.48 -7.45 -21.02
C GLN A 226 -2.57 -8.39 -21.56
N HIS A 227 -2.87 -9.44 -20.81
CA HIS A 227 -3.92 -10.38 -21.22
C HIS A 227 -5.24 -9.63 -21.46
N LEU A 228 -5.56 -8.71 -20.56
CA LEU A 228 -6.80 -7.96 -20.57
C LEU A 228 -6.75 -6.69 -21.44
N HIS A 229 -5.54 -6.27 -21.81
CA HIS A 229 -5.34 -5.08 -22.66
C HIS A 229 -4.25 -5.32 -23.71
N PRO A 230 -4.46 -6.26 -24.66
CA PRO A 230 -3.41 -6.63 -25.60
C PRO A 230 -3.18 -5.64 -26.74
N ILE A 231 -4.20 -4.86 -27.08
CA ILE A 231 -4.10 -3.87 -28.15
C ILE A 231 -3.11 -2.76 -27.75
N VAL A 232 -3.34 -2.18 -26.57
CA VAL A 232 -2.56 -1.04 -26.08
C VAL A 232 -1.06 -1.31 -26.01
N VAL A 233 -0.70 -2.51 -25.55
CA VAL A 233 0.71 -2.91 -25.47
C VAL A 233 1.36 -2.93 -26.86
N GLN A 234 0.68 -3.55 -27.82
CA GLN A 234 1.12 -3.59 -29.22
C GLN A 234 1.31 -2.21 -29.82
N ALA A 235 0.38 -1.30 -29.53
CA ALA A 235 0.29 0.00 -30.19
C ALA A 235 1.16 1.08 -29.56
N ALA A 236 1.26 1.10 -28.25
CA ALA A 236 1.75 2.28 -27.54
C ALA A 236 2.93 2.06 -26.58
N PHE A 237 3.15 0.82 -26.16
CA PHE A 237 4.24 0.50 -25.24
C PHE A 237 5.57 0.46 -25.99
N PRO A 238 6.67 0.84 -25.30
CA PRO A 238 8.00 0.81 -25.93
C PRO A 238 8.42 -0.59 -26.37
N PRO A 239 8.88 -0.73 -27.62
CA PRO A 239 9.30 -2.04 -28.14
C PRO A 239 10.28 -2.75 -27.20
N LEU A 240 11.32 -2.04 -26.74
CA LEU A 240 12.29 -2.59 -25.79
C LEU A 240 11.64 -3.17 -24.53
N TYR A 241 10.65 -2.47 -23.98
CA TYR A 241 9.89 -2.95 -22.81
C TYR A 241 9.22 -4.30 -23.05
N LYS A 242 8.55 -4.44 -24.20
CA LYS A 242 7.89 -5.71 -24.58
C LYS A 242 8.89 -6.86 -24.66
N GLU A 243 10.00 -6.59 -25.34
CA GLU A 243 11.07 -7.55 -25.50
C GLU A 243 11.58 -8.08 -24.17
N LEU A 244 11.76 -7.18 -23.20
CA LEU A 244 12.32 -7.53 -21.90
C LEU A 244 11.33 -8.25 -20.99
N PHE A 245 10.06 -7.88 -21.08
CA PHE A 245 9.10 -8.25 -20.04
C PHE A 245 7.84 -9.02 -20.50
N SER A 246 7.45 -8.86 -21.75
CA SER A 246 6.25 -9.54 -22.27
C SER A 246 6.49 -11.05 -22.45
N THR A 247 5.57 -11.84 -21.92
CA THR A 247 5.63 -13.30 -22.02
C THR A 247 4.52 -13.84 -22.91
N TYR B 3 -42.17 -2.23 -3.63
CA TYR B 3 -42.92 -1.00 -3.21
C TYR B 3 -43.33 -1.12 -1.74
N ALA B 4 -42.36 -0.90 -0.85
CA ALA B 4 -42.60 -1.04 0.59
C ALA B 4 -43.56 0.04 1.10
N SER B 5 -44.63 -0.41 1.75
CA SER B 5 -45.64 0.47 2.33
C SER B 5 -45.06 1.33 3.45
N LEU B 6 -45.78 2.38 3.82
CA LEU B 6 -45.37 3.24 4.92
C LEU B 6 -45.27 2.47 6.23
N THR B 7 -46.11 1.45 6.39
CA THR B 7 -46.05 0.56 7.55
C THR B 7 -44.81 -0.34 7.48
N GLU B 8 -44.52 -0.86 6.28
CA GLU B 8 -43.31 -1.64 6.07
C GLU B 8 -42.03 -0.83 6.35
N ILE B 9 -42.05 0.44 5.96
CA ILE B 9 -40.90 1.33 6.19
C ILE B 9 -40.69 1.62 7.68
N GLU B 10 -41.76 1.99 8.39
CA GLU B 10 -41.66 2.25 9.82
CA GLU B 10 -41.71 2.24 9.83
C GLU B 10 -41.23 1.00 10.58
N HIS B 11 -41.68 -0.17 10.14
CA HIS B 11 -41.27 -1.43 10.76
C HIS B 11 -39.81 -1.74 10.50
N LEU B 12 -39.33 -1.37 9.30
CA LEU B 12 -37.92 -1.48 8.97
C LEU B 12 -37.06 -0.58 9.87
N VAL B 13 -37.51 0.64 10.14
CA VAL B 13 -36.80 1.55 11.05
C VAL B 13 -36.62 0.86 12.41
N GLN B 14 -37.71 0.29 12.94
CA GLN B 14 -37.68 -0.38 14.24
C GLN B 14 -36.77 -1.60 14.23
N SER B 15 -36.82 -2.36 13.14
CA SER B 15 -36.02 -3.56 12.97
C SER B 15 -34.53 -3.25 12.98
N VAL B 16 -34.14 -2.25 12.18
CA VAL B 16 -32.75 -1.80 12.09
C VAL B 16 -32.24 -1.33 13.46
N CYS B 17 -33.00 -0.43 14.08
CA CYS B 17 -32.64 0.12 15.39
C CYS B 17 -32.49 -0.95 16.47
N LYS B 18 -33.37 -1.95 16.45
CA LYS B 18 -33.26 -3.09 17.36
C LYS B 18 -32.00 -3.91 17.12
N SER B 19 -31.71 -4.21 15.85
CA SER B 19 -30.52 -4.98 15.49
CA SER B 19 -30.51 -4.99 15.50
C SER B 19 -29.26 -4.28 15.99
N TYR B 20 -29.23 -2.95 15.80
CA TYR B 20 -28.11 -2.14 16.25
C TYR B 20 -27.96 -2.14 17.78
N ARG B 21 -29.06 -1.88 18.48
CA ARG B 21 -29.05 -1.91 19.95
C ARG B 21 -28.48 -3.21 20.51
N GLU B 22 -28.82 -4.31 19.85
CA GLU B 22 -28.40 -5.65 20.30
C GLU B 22 -26.95 -5.98 19.99
N THR B 23 -26.30 -5.16 19.17
CA THR B 23 -24.96 -5.47 18.67
C THR B 23 -24.02 -4.26 18.70
N CYS B 24 -24.38 -3.25 19.48
CA CYS B 24 -23.63 -1.98 19.48
C CYS B 24 -22.31 -2.05 20.26
N GLN B 25 -22.00 -3.23 20.80
CA GLN B 25 -20.75 -3.50 21.54
C GLN B 25 -20.70 -2.82 22.91
N LEU B 26 -20.28 -1.56 22.98
CA LEU B 26 -20.27 -0.84 24.26
C LEU B 26 -21.49 0.07 24.41
N ARG B 27 -21.96 0.22 25.65
CA ARG B 27 -23.08 1.11 25.94
C ARG B 27 -22.61 2.56 25.87
N LEU B 28 -23.41 3.41 25.23
CA LEU B 28 -23.08 4.83 25.12
C LEU B 28 -22.85 5.46 26.50
N GLU B 29 -23.71 5.10 27.45
CA GLU B 29 -23.59 5.55 28.84
C GLU B 29 -22.24 5.18 29.46
N ASP B 30 -21.76 3.96 29.20
CA ASP B 30 -20.45 3.54 29.66
C ASP B 30 -19.33 4.36 29.01
N LEU B 31 -19.44 4.61 27.71
CA LEU B 31 -18.45 5.38 26.97
C LEU B 31 -18.34 6.84 27.43
N LEU B 32 -19.49 7.47 27.70
CA LEU B 32 -19.53 8.87 28.15
C LEU B 32 -19.00 9.03 29.57
N ARG B 33 -19.32 8.07 30.44
CA ARG B 33 -18.85 8.07 31.83
C ARG B 33 -17.32 7.91 31.89
N GLN B 34 -16.77 7.20 30.92
CA GLN B 34 -15.33 6.96 30.86
C GLN B 34 -14.52 8.15 30.35
N ARG B 35 -15.22 9.22 29.93
CA ARG B 35 -14.56 10.40 29.37
C ARG B 35 -13.61 11.11 30.35
N SER B 36 -13.92 11.02 31.65
CA SER B 36 -13.06 11.57 32.71
C SER B 36 -11.81 10.72 32.92
N ASN B 37 -11.87 9.45 32.51
CA ASN B 37 -10.74 8.54 32.62
C ASN B 37 -9.81 8.72 31.41
N ILE B 38 -8.74 9.49 31.60
CA ILE B 38 -7.83 9.87 30.51
C ILE B 38 -6.39 9.42 30.78
N PHE B 39 -5.72 8.92 29.75
CA PHE B 39 -4.33 8.46 29.85
C PHE B 39 -3.41 9.61 30.28
N SER B 40 -2.71 9.41 31.40
CA SER B 40 -1.77 10.40 31.92
C SER B 40 -0.53 10.51 31.05
N ARG B 41 0.21 11.60 31.22
CA ARG B 41 1.47 11.85 30.50
C ARG B 41 2.42 10.65 30.51
N GLU B 42 2.55 10.01 31.67
CA GLU B 42 3.40 8.83 31.82
C GLU B 42 2.88 7.65 30.99
N GLU B 43 1.57 7.43 31.03
CA GLU B 43 0.93 6.35 30.25
C GLU B 43 1.06 6.57 28.74
N VAL B 44 0.84 7.80 28.29
CA VAL B 44 0.96 8.13 26.87
C VAL B 44 2.38 7.86 26.37
N THR B 45 3.37 8.22 27.18
CA THR B 45 4.77 7.96 26.87
C THR B 45 5.03 6.45 26.77
N GLY B 46 4.46 5.70 27.71
CA GLY B 46 4.53 4.24 27.69
C GLY B 46 4.07 3.64 26.37
N TYR B 47 2.91 4.08 25.90
CA TYR B 47 2.38 3.64 24.61
C TYR B 47 3.27 4.05 23.44
N GLN B 48 3.82 5.26 23.52
CA GLN B 48 4.68 5.78 22.45
C GLN B 48 6.00 5.04 22.34
N ARG B 49 6.48 4.52 23.48
CA ARG B 49 7.71 3.75 23.49
C ARG B 49 7.50 2.27 23.21
N LYS B 50 6.23 1.82 23.21
CA LYS B 50 5.91 0.45 22.79
C LYS B 50 6.42 0.20 21.38
N SER B 51 6.71 -1.06 21.09
CA SER B 51 7.19 -1.45 19.77
C SER B 51 6.08 -1.40 18.73
N MET B 52 6.47 -1.33 17.47
CA MET B 52 5.53 -1.27 16.36
C MET B 52 4.71 -2.55 16.22
N TRP B 53 5.37 -3.70 16.30
CA TRP B 53 4.68 -4.98 16.15
C TRP B 53 3.65 -5.21 17.26
N GLU B 54 3.95 -4.76 18.48
CA GLU B 54 3.05 -4.95 19.60
C GLU B 54 1.83 -4.04 19.47
N MET B 55 2.06 -2.80 19.04
CA MET B 55 0.97 -1.85 18.87
C MET B 55 0.00 -2.30 17.78
N TRP B 56 0.53 -2.81 16.67
CA TRP B 56 -0.29 -3.33 15.57
C TRP B 56 -1.08 -4.56 15.96
N GLU B 57 -0.46 -5.44 16.72
CA GLU B 57 -1.09 -6.66 17.17
C GLU B 57 -2.30 -6.36 18.07
N ARG B 58 -2.11 -5.39 18.97
CA ARG B 58 -3.16 -4.94 19.88
C ARG B 58 -4.34 -4.36 19.11
N CYS B 59 -4.03 -3.44 18.20
CA CYS B 59 -5.03 -2.81 17.36
C CYS B 59 -5.77 -3.80 16.47
N ALA B 60 -5.05 -4.78 15.91
CA ALA B 60 -5.68 -5.82 15.09
C ALA B 60 -6.70 -6.61 15.91
N HIS B 61 -6.33 -6.94 17.15
CA HIS B 61 -7.24 -7.60 18.11
C HIS B 61 -8.50 -6.74 18.36
N HIS B 62 -8.32 -5.47 18.68
CA HIS B 62 -9.46 -4.60 19.00
C HIS B 62 -10.40 -4.37 17.81
N LEU B 63 -9.80 -4.21 16.64
CA LEU B 63 -10.55 -4.05 15.40
CA LEU B 63 -10.54 -4.05 15.39
C LEU B 63 -11.36 -5.30 15.09
N THR B 64 -10.73 -6.47 15.27
CA THR B 64 -11.40 -7.75 15.02
C THR B 64 -12.60 -7.93 15.94
N GLU B 65 -12.41 -7.59 17.21
CA GLU B 65 -13.50 -7.67 18.19
C GLU B 65 -14.68 -6.80 17.72
N ALA B 66 -14.38 -5.56 17.35
CA ALA B 66 -15.43 -4.63 16.87
C ALA B 66 -16.07 -5.13 15.58
N ILE B 67 -15.27 -5.74 14.72
CA ILE B 67 -15.79 -6.35 13.49
C ILE B 67 -16.76 -7.49 13.79
N GLN B 68 -16.46 -8.29 14.80
CA GLN B 68 -17.34 -9.40 15.19
C GLN B 68 -18.74 -8.91 15.56
N TYR B 69 -18.82 -7.73 16.17
CA TYR B 69 -20.12 -7.13 16.49
C TYR B 69 -20.87 -6.67 15.23
N VAL B 70 -20.12 -6.14 14.27
CA VAL B 70 -20.69 -5.76 12.97
C VAL B 70 -21.21 -6.97 12.19
N VAL B 71 -20.48 -8.09 12.23
CA VAL B 71 -20.96 -9.32 11.60
C VAL B 71 -22.30 -9.74 12.21
N GLU B 72 -22.41 -9.62 13.53
CA GLU B 72 -23.64 -9.95 14.25
C GLU B 72 -24.79 -8.98 13.93
N PHE B 73 -24.46 -7.70 13.81
CA PHE B 73 -25.40 -6.68 13.32
C PHE B 73 -25.96 -7.08 11.95
N ALA B 74 -25.06 -7.42 11.03
CA ALA B 74 -25.43 -7.89 9.68
C ALA B 74 -26.35 -9.11 9.71
N LYS B 75 -25.98 -10.11 10.51
CA LYS B 75 -26.76 -11.34 10.70
C LYS B 75 -28.20 -11.08 11.15
N ARG B 76 -28.38 -10.01 11.93
CA ARG B 76 -29.68 -9.67 12.48
C ARG B 76 -30.40 -8.60 11.67
N LEU B 77 -29.71 -8.07 10.65
CA LEU B 77 -30.27 -6.98 9.85
C LEU B 77 -31.33 -7.51 8.89
N SER B 78 -32.48 -6.83 8.88
CA SER B 78 -33.59 -7.18 8.00
C SER B 78 -33.16 -7.06 6.54
N GLY B 79 -33.18 -8.20 5.84
CA GLY B 79 -32.89 -8.21 4.41
C GLY B 79 -31.49 -8.66 4.05
N PHE B 80 -30.55 -8.56 4.98
CA PHE B 80 -29.17 -8.96 4.71
C PHE B 80 -29.05 -10.46 4.45
N MET B 81 -29.67 -11.27 5.30
CA MET B 81 -29.62 -12.73 5.17
C MET B 81 -30.41 -13.21 3.97
N GLU B 82 -31.28 -12.33 3.47
CA GLU B 82 -32.03 -12.55 2.24
C GLU B 82 -31.16 -12.57 0.98
N LEU B 83 -30.01 -11.90 1.03
CA LEU B 83 -29.13 -11.83 -0.13
C LEU B 83 -28.39 -13.15 -0.32
N CYS B 84 -27.85 -13.38 -1.53
CA CYS B 84 -27.07 -14.59 -1.80
C CYS B 84 -25.81 -14.60 -0.95
N GLN B 85 -25.27 -15.80 -0.71
CA GLN B 85 -24.10 -15.95 0.15
C GLN B 85 -22.90 -15.15 -0.34
N ASN B 86 -22.65 -15.16 -1.65
CA ASN B 86 -21.55 -14.39 -2.20
C ASN B 86 -21.66 -12.90 -1.83
N ASP B 87 -22.87 -12.36 -2.00
CA ASP B 87 -23.08 -10.93 -1.82
C ASP B 87 -22.98 -10.50 -0.36
N GLN B 88 -23.45 -11.36 0.54
CA GLN B 88 -23.24 -11.17 1.98
C GLN B 88 -21.75 -10.98 2.28
N ILE B 89 -20.93 -11.89 1.76
CA ILE B 89 -19.47 -11.83 1.91
C ILE B 89 -18.87 -10.57 1.30
N VAL B 90 -19.28 -10.25 0.07
CA VAL B 90 -18.78 -9.05 -0.62
C VAL B 90 -19.05 -7.79 0.22
N LEU B 91 -20.28 -7.67 0.72
CA LEU B 91 -20.69 -6.48 1.46
C LEU B 91 -20.00 -6.37 2.82
N LEU B 92 -19.85 -7.50 3.51
CA LEU B 92 -19.13 -7.50 4.76
C LEU B 92 -17.63 -7.26 4.61
N LYS B 93 -16.99 -7.90 3.63
CA LYS B 93 -15.55 -7.67 3.39
C LYS B 93 -15.21 -6.20 3.13
N ALA B 94 -16.02 -5.54 2.31
CA ALA B 94 -15.81 -4.15 1.95
C ALA B 94 -16.30 -3.19 3.02
N GLY B 95 -17.38 -3.57 3.70
CA GLY B 95 -18.11 -2.66 4.58
C GLY B 95 -17.89 -2.78 6.07
N ALA B 96 -17.29 -3.89 6.52
CA ALA B 96 -17.15 -4.13 7.97
C ALA B 96 -16.32 -3.04 8.64
N MET B 97 -15.17 -2.72 8.05
CA MET B 97 -14.32 -1.66 8.56
C MET B 97 -14.99 -0.29 8.50
N GLU B 98 -15.70 0.00 7.41
CA GLU B 98 -16.40 1.27 7.23
C GLU B 98 -17.41 1.45 8.37
N VAL B 99 -18.15 0.39 8.69
CA VAL B 99 -19.10 0.43 9.80
C VAL B 99 -18.40 0.70 11.14
N VAL B 100 -17.29 0.00 11.39
CA VAL B 100 -16.51 0.20 12.61
C VAL B 100 -16.07 1.68 12.75
N LEU B 101 -15.58 2.25 11.64
CA LEU B 101 -15.12 3.64 11.64
C LEU B 101 -16.24 4.63 11.98
N VAL B 102 -17.44 4.37 11.49
CA VAL B 102 -18.61 5.19 11.83
C VAL B 102 -19.03 5.03 13.30
N ARG B 103 -19.16 3.79 13.76
CA ARG B 103 -19.47 3.49 15.16
C ARG B 103 -18.48 4.14 16.13
N MET B 104 -17.23 4.21 15.71
CA MET B 104 -16.12 4.70 16.55
C MET B 104 -16.33 6.14 17.02
N CYS B 105 -17.15 6.91 16.32
CA CYS B 105 -17.44 8.30 16.73
C CYS B 105 -18.15 8.40 18.09
N ARG B 106 -18.81 7.32 18.51
CA ARG B 106 -19.44 7.26 19.84
C ARG B 106 -18.40 7.35 20.95
N ALA B 107 -17.20 6.83 20.65
CA ALA B 107 -16.11 6.75 21.61
C ALA B 107 -15.15 7.92 21.45
N TYR B 108 -15.51 8.89 20.61
CA TYR B 108 -14.67 10.08 20.39
C TYR B 108 -15.17 11.28 21.18
N ASN B 109 -14.26 11.94 21.89
CA ASN B 109 -14.59 13.14 22.66
C ASN B 109 -14.04 14.37 21.97
N ALA B 110 -14.93 15.17 21.39
CA ALA B 110 -14.54 16.35 20.62
C ALA B 110 -13.89 17.43 21.48
N ASP B 111 -14.29 17.48 22.75
CA ASP B 111 -13.86 18.53 23.68
C ASP B 111 -12.37 18.51 24.01
N ASN B 112 -11.80 17.32 24.14
CA ASN B 112 -10.35 17.18 24.32
C ASN B 112 -9.67 16.40 23.20
N ARG B 113 -10.44 16.06 22.17
CA ARG B 113 -9.94 15.37 20.96
C ARG B 113 -9.32 14.01 21.26
N THR B 114 -10.00 13.23 22.09
CA THR B 114 -9.53 11.90 22.48
C THR B 114 -10.49 10.79 22.05
N VAL B 115 -9.99 9.56 22.05
CA VAL B 115 -10.79 8.38 21.73
C VAL B 115 -10.59 7.28 22.79
N PHE B 116 -11.65 6.52 23.03
CA PHE B 116 -11.59 5.41 23.98
C PHE B 116 -10.80 4.26 23.38
N PHE B 117 -9.73 3.90 24.08
CA PHE B 117 -8.81 2.86 23.63
C PHE B 117 -8.19 2.16 24.84
N GLU B 118 -8.37 0.84 24.90
CA GLU B 118 -7.80 0.02 25.98
C GLU B 118 -8.02 0.60 27.38
N GLY B 119 -9.26 1.00 27.65
CA GLY B 119 -9.68 1.33 29.01
C GLY B 119 -9.70 2.80 29.37
N LYS B 120 -9.01 3.64 28.61
CA LYS B 120 -8.99 5.09 28.84
C LYS B 120 -9.10 5.89 27.55
N TYR B 121 -9.25 7.20 27.68
CA TYR B 121 -9.25 8.11 26.55
C TYR B 121 -7.85 8.65 26.25
N GLY B 122 -7.49 8.64 24.98
CA GLY B 122 -6.19 9.12 24.53
C GLY B 122 -6.25 9.90 23.23
N GLY B 123 -5.38 10.90 23.11
CA GLY B 123 -5.24 11.66 21.87
C GLY B 123 -4.55 10.84 20.80
N MET B 124 -4.43 11.41 19.61
CA MET B 124 -3.81 10.69 18.49
C MET B 124 -2.33 10.39 18.72
N GLU B 125 -1.71 11.12 19.65
CA GLU B 125 -0.31 10.93 20.01
C GLU B 125 -0.10 9.57 20.72
N LEU B 126 -1.17 9.03 21.28
CA LEU B 126 -1.16 7.70 21.89
C LEU B 126 -0.78 6.62 20.88
N PHE B 127 -1.08 6.87 19.60
CA PHE B 127 -0.91 5.87 18.54
C PHE B 127 0.38 6.01 17.73
N ARG B 128 1.28 6.91 18.15
CA ARG B 128 2.50 7.20 17.38
C ARG B 128 3.35 5.97 17.02
N ALA B 129 3.40 4.98 17.93
CA ALA B 129 4.21 3.78 17.73
C ALA B 129 3.79 2.92 16.53
N LEU B 130 2.57 3.12 16.04
CA LEU B 130 2.08 2.43 14.83
C LEU B 130 2.84 2.87 13.56
N GLY B 131 3.37 4.09 13.60
CA GLY B 131 4.06 4.68 12.45
C GLY B 131 3.12 4.88 11.26
N CYS B 132 1.91 5.38 11.53
CA CYS B 132 0.98 5.77 10.47
C CYS B 132 0.18 7.02 10.86
N SER B 133 0.92 8.04 11.31
CA SER B 133 0.34 9.27 11.86
C SER B 133 -0.70 9.94 10.96
N GLU B 134 -0.50 9.88 9.64
CA GLU B 134 -1.44 10.48 8.69
C GLU B 134 -2.80 9.80 8.68
N LEU B 135 -2.79 8.47 8.65
CA LEU B 135 -4.01 7.67 8.75
C LEU B 135 -4.71 7.97 10.07
N ILE B 136 -3.97 7.91 11.17
CA ILE B 136 -4.52 8.16 12.51
C ILE B 136 -5.14 9.55 12.59
N SER B 137 -4.45 10.57 12.06
CA SER B 137 -4.95 11.95 12.08
CA SER B 137 -4.94 11.95 12.06
C SER B 137 -6.23 12.07 11.26
N SER B 138 -6.28 11.39 10.10
CA SER B 138 -7.43 11.37 9.21
C SER B 138 -8.65 10.71 9.87
N ILE B 139 -8.39 9.71 10.71
CA ILE B 139 -9.44 9.00 11.42
C ILE B 139 -9.97 9.86 12.56
N PHE B 140 -9.07 10.56 13.24
CA PHE B 140 -9.45 11.54 14.27
C PHE B 140 -10.26 12.69 13.66
N ASP B 141 -9.85 13.14 12.47
CA ASP B 141 -10.59 14.17 11.70
C ASP B 141 -11.96 13.66 11.29
N PHE B 142 -12.01 12.42 10.81
CA PHE B 142 -13.28 11.79 10.43
C PHE B 142 -14.21 11.66 11.63
N SER B 143 -13.66 11.19 12.75
CA SER B 143 -14.42 11.04 13.99
C SER B 143 -14.96 12.38 14.47
N HIS B 144 -14.11 13.41 14.36
CA HIS B 144 -14.48 14.78 14.73
C HIS B 144 -15.67 15.29 13.91
N SER B 145 -15.62 15.04 12.60
CA SER B 145 -16.67 15.46 11.66
C SER B 145 -18.01 14.77 11.91
N LEU B 146 -17.97 13.51 12.35
CA LEU B 146 -19.18 12.78 12.71
C LEU B 146 -19.74 13.22 14.06
N SER B 147 -18.84 13.35 15.05
CA SER B 147 -19.26 13.79 16.39
CA SER B 147 -19.24 13.79 16.39
C SER B 147 -20.01 15.12 16.33
N ALA B 148 -19.61 15.96 15.38
CA ALA B 148 -20.24 17.27 15.15
C ALA B 148 -21.72 17.18 14.76
N LEU B 149 -22.13 16.03 14.20
CA LEU B 149 -23.52 15.85 13.76
C LEU B 149 -24.44 15.42 14.89
N HIS B 150 -23.86 15.10 16.04
CA HIS B 150 -24.58 14.65 17.23
C HIS B 150 -25.56 13.51 16.95
N PHE B 151 -25.08 12.45 16.31
CA PHE B 151 -25.90 11.27 16.03
C PHE B 151 -26.56 10.71 17.29
N SER B 152 -27.85 10.40 17.22
CA SER B 152 -28.48 9.51 18.20
C SER B 152 -28.08 8.08 17.84
N GLU B 153 -28.27 7.15 18.78
CA GLU B 153 -28.02 5.73 18.51
C GLU B 153 -28.85 5.20 17.33
N ASP B 154 -30.11 5.62 17.25
CA ASP B 154 -31.00 5.25 16.14
C ASP B 154 -30.47 5.76 14.79
N GLU B 155 -29.90 6.97 14.77
CA GLU B 155 -29.34 7.53 13.55
C GLU B 155 -28.08 6.78 13.11
N ILE B 156 -27.29 6.32 14.08
CA ILE B 156 -26.13 5.49 13.83
C ILE B 156 -26.58 4.15 13.25
N ALA B 157 -27.64 3.58 13.84
CA ALA B 157 -28.21 2.32 13.37
C ALA B 157 -28.57 2.38 11.88
N LEU B 158 -29.33 3.41 11.51
CA LEU B 158 -29.85 3.54 10.15
C LEU B 158 -28.76 3.87 9.14
N TYR B 159 -27.84 4.73 9.55
CA TYR B 159 -26.75 5.13 8.68
C TYR B 159 -25.76 3.98 8.44
N THR B 160 -25.42 3.23 9.49
CA THR B 160 -24.49 2.09 9.32
C THR B 160 -25.12 0.95 8.53
N ALA B 161 -26.43 0.82 8.58
CA ALA B 161 -27.14 -0.15 7.74
C ALA B 161 -26.90 0.19 6.27
N LEU B 162 -26.96 1.50 5.96
CA LEU B 162 -26.72 2.00 4.60
C LEU B 162 -25.25 1.90 4.19
N VAL B 163 -24.35 2.09 5.14
CA VAL B 163 -22.92 1.89 4.90
C VAL B 163 -22.64 0.44 4.46
N LEU B 164 -23.30 -0.50 5.13
CA LEU B 164 -23.16 -1.92 4.82
C LEU B 164 -23.85 -2.33 3.51
N ILE B 165 -25.09 -1.89 3.32
CA ILE B 165 -25.86 -2.26 2.12
C ILE B 165 -25.59 -1.24 1.01
N ASN B 166 -24.45 -1.44 0.34
CA ASN B 166 -23.94 -0.52 -0.67
C ASN B 166 -23.85 -1.30 -1.98
N ALA B 167 -24.72 -0.96 -2.93
CA ALA B 167 -24.82 -1.69 -4.18
C ALA B 167 -23.72 -1.36 -5.19
N HIS B 168 -22.84 -0.43 -4.81
CA HIS B 168 -21.71 -0.04 -5.67
C HIS B 168 -20.44 -0.88 -5.47
N ARG B 169 -20.48 -1.84 -4.56
CA ARG B 169 -19.32 -2.72 -4.31
C ARG B 169 -19.09 -3.63 -5.52
N PRO B 170 -17.85 -3.68 -6.04
CA PRO B 170 -17.52 -4.61 -7.12
C PRO B 170 -17.69 -6.07 -6.71
N GLY B 171 -17.99 -6.92 -7.68
CA GLY B 171 -18.07 -8.36 -7.45
C GLY B 171 -19.39 -8.88 -6.92
N LEU B 172 -20.43 -8.04 -6.95
CA LEU B 172 -21.77 -8.47 -6.56
C LEU B 172 -22.44 -9.31 -7.67
N GLN B 173 -23.07 -10.41 -7.26
CA GLN B 173 -23.72 -11.33 -8.20
C GLN B 173 -25.15 -10.92 -8.52
N GLU B 174 -25.82 -10.30 -7.55
CA GLU B 174 -27.18 -9.84 -7.77
C GLU B 174 -27.33 -8.38 -7.36
N LYS B 175 -26.75 -7.50 -8.17
CA LYS B 175 -26.68 -6.07 -7.87
C LYS B 175 -28.07 -5.46 -7.63
N ARG B 176 -29.06 -5.91 -8.40
CA ARG B 176 -30.42 -5.35 -8.30
C ARG B 176 -31.12 -5.71 -6.99
N LYS B 177 -30.82 -6.88 -6.44
CA LYS B 177 -31.32 -7.30 -5.13
C LYS B 177 -30.78 -6.40 -4.02
N VAL B 178 -29.48 -6.11 -4.09
CA VAL B 178 -28.81 -5.22 -3.14
C VAL B 178 -29.37 -3.81 -3.30
N GLU B 179 -29.54 -3.37 -4.54
CA GLU B 179 -30.11 -2.05 -4.85
C GLU B 179 -31.49 -1.84 -4.24
N GLN B 180 -32.32 -2.87 -4.27
CA GLN B 180 -33.67 -2.82 -3.72
C GLN B 180 -33.69 -2.66 -2.19
N LEU B 181 -32.84 -3.43 -1.51
CA LEU B 181 -32.70 -3.34 -0.06
C LEU B 181 -32.11 -2.00 0.34
N GLN B 182 -31.14 -1.53 -0.44
CA GLN B 182 -30.51 -0.23 -0.20
C GLN B 182 -31.54 0.87 -0.24
N TYR B 183 -32.44 0.81 -1.23
CA TYR B 183 -33.45 1.85 -1.40
C TYR B 183 -34.44 1.87 -0.23
N ASN B 184 -34.84 0.69 0.23
CA ASN B 184 -35.76 0.58 1.36
C ASN B 184 -35.15 1.08 2.66
N LEU B 185 -33.85 0.87 2.80
CA LEU B 185 -33.11 1.38 3.95
C LEU B 185 -32.91 2.88 3.86
N GLU B 186 -32.78 3.39 2.63
CA GLU B 186 -32.71 4.83 2.41
C GLU B 186 -34.04 5.49 2.79
N LEU B 187 -35.14 4.87 2.37
CA LEU B 187 -36.48 5.31 2.75
C LEU B 187 -36.68 5.30 4.26
N ALA B 188 -36.18 4.24 4.91
CA ALA B 188 -36.25 4.09 6.36
C ALA B 188 -35.49 5.21 7.06
N PHE B 189 -34.24 5.42 6.64
CA PHE B 189 -33.40 6.50 7.15
C PHE B 189 -34.08 7.86 6.97
N HIS B 190 -34.52 8.15 5.75
CA HIS B 190 -35.12 9.45 5.44
C HIS B 190 -36.44 9.70 6.19
N HIS B 191 -37.26 8.67 6.33
CA HIS B 191 -38.51 8.78 7.09
C HIS B 191 -38.24 9.13 8.54
N HIS B 192 -37.31 8.40 9.16
CA HIS B 192 -36.96 8.62 10.57
C HIS B 192 -36.42 10.02 10.80
N LEU B 193 -35.58 10.49 9.88
CA LEU B 193 -35.03 11.84 9.91
C LEU B 193 -36.11 12.93 9.81
N SER B 194 -37.02 12.82 8.84
CA SER B 194 -38.09 13.81 8.69
C SER B 194 -39.03 13.81 9.92
N LYS B 195 -39.26 12.62 10.46
CA LYS B 195 -40.14 12.40 11.62
C LYS B 195 -39.58 13.05 12.88
N THR B 196 -38.26 13.07 13.01
CA THR B 196 -37.57 13.70 14.13
C THR B 196 -37.04 15.09 13.75
N HIS B 197 -37.48 15.58 12.59
CA HIS B 197 -36.99 16.82 11.98
C HIS B 197 -35.47 16.92 12.00
N ARG B 198 -34.82 15.97 11.32
CA ARG B 198 -33.36 15.87 11.35
C ARG B 198 -32.74 15.68 9.96
N GLN B 199 -33.55 15.85 8.92
CA GLN B 199 -33.07 15.68 7.53
C GLN B 199 -31.94 16.62 7.15
N SER B 200 -31.77 17.67 7.96
CA SER B 200 -30.67 18.63 7.78
C SER B 200 -29.28 17.97 7.85
N ILE B 201 -29.19 16.81 8.50
CA ILE B 201 -27.89 16.11 8.59
C ILE B 201 -27.41 15.51 7.27
N LEU B 202 -28.35 15.24 6.35
CA LEU B 202 -28.03 14.54 5.10
C LEU B 202 -26.96 15.22 4.23
N ALA B 203 -27.00 16.55 4.18
CA ALA B 203 -25.99 17.31 3.44
C ALA B 203 -24.65 17.37 4.19
N LYS B 204 -24.70 17.11 5.50
CA LYS B 204 -23.51 17.18 6.36
C LYS B 204 -22.79 15.84 6.51
N LEU B 205 -23.41 14.77 6.01
CA LEU B 205 -22.82 13.42 6.06
C LEU B 205 -21.53 13.33 5.21
N PRO B 206 -20.64 12.38 5.55
CA PRO B 206 -19.35 12.28 4.83
C PRO B 206 -19.54 12.09 3.33
N PRO B 207 -18.69 12.72 2.51
CA PRO B 207 -18.81 12.63 1.05
C PRO B 207 -18.56 11.23 0.52
N LYS B 208 -19.05 10.97 -0.68
CA LYS B 208 -18.79 9.71 -1.38
C LYS B 208 -17.29 9.54 -1.57
N GLY B 209 -16.78 8.39 -1.16
CA GLY B 209 -15.36 8.07 -1.33
C GLY B 209 -14.51 8.27 -0.10
N LYS B 210 -15.07 8.94 0.92
CA LYS B 210 -14.34 9.20 2.16
C LYS B 210 -14.07 7.91 2.95
N LEU B 211 -15.13 7.15 3.24
CA LEU B 211 -15.00 5.89 3.98
C LEU B 211 -14.12 4.89 3.22
N ARG B 212 -14.35 4.80 1.91
CA ARG B 212 -13.54 3.96 1.03
C ARG B 212 -12.07 4.42 1.00
N SER B 213 -11.84 5.73 1.04
CA SER B 213 -10.48 6.27 1.13
C SER B 213 -9.80 5.82 2.42
N LEU B 214 -10.50 5.93 3.54
CA LEU B 214 -9.96 5.54 4.84
C LEU B 214 -9.59 4.06 4.91
N CYS B 215 -10.43 3.19 4.34
CA CYS B 215 -10.16 1.76 4.32
C CYS B 215 -9.01 1.37 3.40
N SER B 216 -8.83 2.15 2.32
CA SER B 216 -7.64 2.04 1.46
C SER B 216 -6.38 2.48 2.18
N GLN B 217 -6.44 3.62 2.88
CA GLN B 217 -5.30 4.11 3.63
C GLN B 217 -4.88 3.09 4.69
N HIS B 218 -5.87 2.43 5.29
CA HIS B 218 -5.65 1.40 6.31
C HIS B 218 -4.97 0.16 5.73
N VAL B 219 -5.53 -0.37 4.65
CA VAL B 219 -4.93 -1.50 3.94
C VAL B 219 -3.47 -1.16 3.55
N GLU B 220 -3.24 0.07 3.11
CA GLU B 220 -1.90 0.49 2.69
C GLU B 220 -0.90 0.61 3.84
N ARG B 221 -1.34 1.16 4.97
CA ARG B 221 -0.47 1.23 6.13
C ARG B 221 -0.13 -0.17 6.65
N LEU B 222 -1.08 -1.11 6.52
CA LEU B 222 -0.83 -2.51 6.86
C LEU B 222 0.25 -3.12 5.98
N GLN B 223 0.20 -2.80 4.69
CA GLN B 223 1.22 -3.28 3.74
C GLN B 223 2.62 -2.88 4.17
N ILE B 224 2.76 -1.63 4.59
CA ILE B 224 4.02 -1.12 5.15
C ILE B 224 4.44 -1.91 6.39
N PHE B 225 3.51 -2.13 7.30
CA PHE B 225 3.79 -2.93 8.50
C PHE B 225 4.13 -4.38 8.18
N GLN B 226 3.31 -5.04 7.37
CA GLN B 226 3.42 -6.48 7.11
C GLN B 226 4.75 -6.84 6.45
N HIS B 227 5.20 -6.05 5.48
CA HIS B 227 6.50 -6.31 4.85
C HIS B 227 7.64 -6.19 5.85
N LEU B 228 7.49 -5.28 6.82
CA LEU B 228 8.48 -5.11 7.90
C LEU B 228 8.42 -6.21 8.96
N HIS B 229 7.22 -6.72 9.25
CA HIS B 229 7.02 -7.75 10.28
C HIS B 229 6.09 -8.87 9.81
N PRO B 230 6.53 -9.71 8.84
CA PRO B 230 5.64 -10.71 8.26
C PRO B 230 5.22 -11.86 9.19
N ILE B 231 6.16 -12.34 10.02
CA ILE B 231 5.87 -13.49 10.87
C ILE B 231 4.88 -13.16 12.00
N VAL B 232 5.05 -11.99 12.62
CA VAL B 232 4.11 -11.52 13.64
C VAL B 232 2.67 -11.60 13.12
N VAL B 233 2.46 -11.11 11.90
CA VAL B 233 1.14 -11.16 11.25
C VAL B 233 0.61 -12.59 11.13
N GLN B 234 1.46 -13.53 10.73
CA GLN B 234 1.04 -14.91 10.55
C GLN B 234 0.77 -15.63 11.88
N ALA B 235 1.62 -15.39 12.87
CA ALA B 235 1.57 -16.13 14.13
C ALA B 235 0.52 -15.60 15.11
N ALA B 236 0.32 -14.29 15.14
CA ALA B 236 -0.39 -13.65 16.25
C ALA B 236 -1.69 -12.94 15.89
N PHE B 237 -1.78 -12.39 14.68
CA PHE B 237 -2.97 -11.64 14.24
C PHE B 237 -4.18 -12.54 14.06
N PRO B 238 -5.39 -12.05 14.39
CA PRO B 238 -6.58 -12.87 14.20
C PRO B 238 -6.76 -13.27 12.74
N PRO B 239 -7.17 -14.53 12.51
CA PRO B 239 -7.43 -15.03 11.15
C PRO B 239 -8.43 -14.17 10.36
N LEU B 240 -9.50 -13.71 11.01
CA LEU B 240 -10.50 -12.86 10.35
C LEU B 240 -9.93 -11.53 9.87
N TYR B 241 -9.00 -10.97 10.65
CA TYR B 241 -8.32 -9.73 10.30
C TYR B 241 -7.47 -9.89 9.03
N LYS B 242 -6.73 -10.99 8.93
CA LYS B 242 -5.93 -11.28 7.74
C LYS B 242 -6.83 -11.36 6.50
N GLU B 243 -7.86 -12.20 6.58
CA GLU B 243 -8.86 -12.38 5.53
C GLU B 243 -9.39 -11.06 4.95
N LEU B 244 -9.59 -10.06 5.82
CA LEU B 244 -10.20 -8.80 5.43
C LEU B 244 -9.23 -7.77 4.85
N PHE B 245 -8.02 -7.69 5.40
CA PHE B 245 -7.17 -6.54 5.14
C PHE B 245 -5.82 -6.81 4.45
N SER B 246 -5.28 -8.02 4.61
CA SER B 246 -3.96 -8.33 4.05
C SER B 246 -4.01 -8.59 2.55
N THR B 247 -3.12 -7.93 1.81
CA THR B 247 -3.04 -8.06 0.34
C THR B 247 -2.11 -9.18 -0.10
N THR C 7 17.23 -9.00 -31.54
CA THR C 7 16.76 -8.22 -30.34
C THR C 7 17.15 -6.74 -30.44
N LEU C 8 16.35 -5.90 -29.78
CA LEU C 8 16.62 -4.46 -29.76
C LEU C 8 17.80 -4.09 -28.86
N LEU C 9 18.09 -4.95 -27.88
CA LEU C 9 19.28 -4.79 -27.02
C LEU C 9 20.56 -4.84 -27.84
N GLN C 10 20.64 -5.77 -28.79
CA GLN C 10 21.76 -5.84 -29.74
C GLN C 10 22.00 -4.50 -30.42
N LEU C 11 20.92 -3.93 -30.96
CA LEU C 11 20.98 -2.67 -31.71
C LEU C 11 21.44 -1.50 -30.84
N LEU C 12 20.96 -1.46 -29.59
CA LEU C 12 21.36 -0.43 -28.64
C LEU C 12 22.83 -0.54 -28.22
N LEU C 13 23.33 -1.77 -28.15
CA LEU C 13 24.74 -2.01 -27.83
C LEU C 13 25.66 -1.71 -29.01
N GLY C 14 25.10 -1.66 -30.22
CA GLY C 14 25.84 -1.32 -31.42
C GLY C 14 26.69 -2.47 -31.93
N THR D 7 -14.95 -19.58 3.73
CA THR D 7 -14.24 -18.48 4.44
C THR D 7 -14.76 -18.33 5.88
N LEU D 8 -14.04 -17.56 6.68
CA LEU D 8 -14.43 -17.33 8.08
C LEU D 8 -15.71 -16.51 8.20
N LEU D 9 -15.91 -15.56 7.28
CA LEU D 9 -17.17 -14.82 7.23
C LEU D 9 -18.36 -15.76 7.03
N GLN D 10 -18.23 -16.72 6.13
CA GLN D 10 -19.27 -17.74 5.89
C GLN D 10 -19.61 -18.53 7.15
N LEU D 11 -18.57 -18.98 7.85
CA LEU D 11 -18.75 -19.69 9.12
C LEU D 11 -19.42 -18.81 10.18
N LEU D 12 -18.96 -17.56 10.28
CA LEU D 12 -19.51 -16.61 11.26
C LEU D 12 -20.98 -16.24 11.00
N LEU D 13 -21.37 -16.26 9.73
CA LEU D 13 -22.74 -15.92 9.34
C LEU D 13 -23.75 -17.04 9.62
N GLY D 14 -23.24 -18.27 9.75
CA GLY D 14 -24.07 -19.42 10.09
C GLY D 14 -24.10 -20.50 9.03
N HIS D 15 -23.33 -20.31 7.95
CA HIS D 15 -23.30 -21.24 6.83
C HIS D 15 -22.13 -22.22 6.96
#